data_1JH6
#
_entry.id   1JH6
#
_cell.length_a   99.380
_cell.length_b   99.380
_cell.length_c   175.060
_cell.angle_alpha   90.00
_cell.angle_beta   90.00
_cell.angle_gamma   120.00
#
_symmetry.space_group_name_H-M   'H 3 2'
#
loop_
_entity.id
_entity.type
_entity.pdbx_description
1 polymer 'cyclic phosphodiesterase'
2 non-polymer 'SULFATE ION'
3 water water
#
_entity_poly.entity_id   1
_entity_poly.type   'polypeptide(L)'
_entity_poly.pdbx_seq_one_letter_code
;MEEVKKDVYSVWALPDEESEPRFKKLMEALRSEFTGPRFVPHVTVAVSAYLTADEAKKMFESACDGLKAYTATVDRVSTG
TFFFQCVFLLLQTTPEVMEAGEHCKNHFNCSTTTPYMPHLSLLYAELTEEEKKNAQEKAYTLDSSLDGLSFRLNRLALCK
TDTEDKTLETWETVAVCNLNPGSHHHHHH
;
_entity_poly.pdbx_strand_id   A,B
#
# COMPACT_ATOMS: atom_id res chain seq x y z
N MET A 1 10.83 -21.31 13.09
CA MET A 1 10.63 -20.26 12.05
C MET A 1 11.96 -19.82 11.47
N GLU A 2 12.10 -19.89 10.15
CA GLU A 2 13.35 -19.51 9.52
C GLU A 2 13.38 -18.10 8.95
N GLU A 3 12.87 -17.87 7.75
CA GLU A 3 12.89 -16.53 7.15
C GLU A 3 11.84 -15.69 7.82
N VAL A 4 12.26 -14.62 8.46
CA VAL A 4 11.33 -13.76 9.21
C VAL A 4 11.08 -12.44 8.54
N LYS A 5 11.95 -12.05 7.63
CA LYS A 5 11.75 -10.78 6.93
C LYS A 5 10.80 -11.00 5.77
N LYS A 6 9.84 -10.08 5.62
CA LYS A 6 8.86 -10.15 4.54
C LYS A 6 8.71 -8.75 3.98
N ASP A 7 8.42 -8.68 2.67
CA ASP A 7 8.27 -7.41 1.97
C ASP A 7 7.18 -7.52 0.94
N VAL A 8 6.75 -6.37 0.44
CA VAL A 8 5.76 -6.35 -0.61
C VAL A 8 6.58 -6.29 -1.88
N TYR A 9 6.19 -7.07 -2.87
CA TYR A 9 6.92 -7.08 -4.11
C TYR A 9 6.02 -6.67 -5.25
N SER A 10 6.61 -6.04 -6.25
CA SER A 10 5.88 -5.67 -7.44
C SER A 10 6.47 -6.51 -8.54
N VAL A 11 5.66 -6.93 -9.49
CA VAL A 11 6.16 -7.73 -10.60
C VAL A 11 5.97 -6.90 -11.87
N TRP A 12 7.06 -6.74 -12.60
CA TRP A 12 7.04 -5.94 -13.81
C TRP A 12 7.40 -6.67 -15.10
N ALA A 13 6.64 -6.36 -16.14
CA ALA A 13 6.85 -6.89 -17.48
C ALA A 13 7.74 -5.79 -18.06
N LEU A 14 8.88 -6.17 -18.63
CA LEU A 14 9.80 -5.17 -19.18
C LEU A 14 9.82 -5.13 -20.72
N PRO A 15 9.92 -3.92 -21.30
CA PRO A 15 9.97 -3.79 -22.76
C PRO A 15 11.22 -4.44 -23.32
N ASP A 16 11.14 -4.88 -24.58
CA ASP A 16 12.28 -5.50 -25.27
C ASP A 16 13.37 -4.44 -25.52
N GLU A 17 14.55 -4.92 -25.84
CA GLU A 17 15.72 -4.09 -26.13
C GLU A 17 15.42 -3.04 -27.20
N GLU A 18 14.56 -3.39 -28.13
CA GLU A 18 14.21 -2.49 -29.22
C GLU A 18 13.44 -1.24 -28.81
N SER A 19 12.45 -1.42 -27.95
CA SER A 19 11.60 -0.31 -27.53
C SER A 19 12.03 0.41 -26.27
N GLU A 20 12.80 -0.26 -25.42
CA GLU A 20 13.20 0.36 -24.18
C GLU A 20 13.78 1.75 -24.30
N PRO A 21 14.79 1.93 -25.18
CA PRO A 21 15.41 3.24 -25.35
C PRO A 21 14.46 4.31 -25.88
N ARG A 22 13.44 3.89 -26.64
CA ARG A 22 12.50 4.90 -27.11
C ARG A 22 11.77 5.43 -25.87
N PHE A 23 11.39 4.51 -24.98
CA PHE A 23 10.67 4.84 -23.75
C PHE A 23 11.53 5.64 -22.79
N LYS A 24 12.76 5.19 -22.54
CA LYS A 24 13.66 5.91 -21.66
C LYS A 24 13.86 7.33 -22.16
N LYS A 25 14.07 7.46 -23.47
CA LYS A 25 14.30 8.76 -24.10
C LYS A 25 13.19 9.71 -23.71
N LEU A 26 11.95 9.26 -23.91
CA LEU A 26 10.78 10.06 -23.61
C LEU A 26 10.63 10.33 -22.10
N MET A 27 10.91 9.34 -21.28
CA MET A 27 10.79 9.51 -19.84
C MET A 27 11.79 10.55 -19.37
N GLU A 28 13.05 10.41 -19.82
CA GLU A 28 14.08 11.35 -19.41
C GLU A 28 13.75 12.76 -19.87
N ALA A 29 13.13 12.88 -21.05
CA ALA A 29 12.75 14.18 -21.60
C ALA A 29 11.65 14.85 -20.80
N LEU A 30 10.63 14.08 -20.47
CA LEU A 30 9.50 14.60 -19.70
C LEU A 30 9.86 14.94 -18.24
N ARG A 31 10.70 14.11 -17.61
CA ARG A 31 11.06 14.34 -16.21
C ARG A 31 12.05 15.47 -16.06
N SER A 32 12.67 15.85 -17.18
CA SER A 32 13.62 16.94 -17.20
C SER A 32 12.88 18.25 -17.45
N GLU A 33 11.60 18.15 -17.79
CA GLU A 33 10.82 19.34 -18.05
C GLU A 33 9.76 19.53 -16.98
N PHE A 34 9.39 18.42 -16.34
CA PHE A 34 8.36 18.47 -15.31
C PHE A 34 8.87 17.99 -13.96
N THR A 35 10.15 17.64 -13.93
CA THR A 35 10.82 17.21 -12.71
C THR A 35 10.10 16.10 -11.98
N GLY A 36 10.72 14.92 -11.98
CA GLY A 36 10.19 13.76 -11.32
C GLY A 36 11.33 12.78 -11.20
N PRO A 37 11.18 11.66 -10.46
CA PRO A 37 12.24 10.68 -10.29
C PRO A 37 12.50 9.83 -11.55
N ARG A 38 13.72 9.30 -11.63
CA ARG A 38 14.09 8.44 -12.73
C ARG A 38 13.68 6.99 -12.39
N PHE A 39 13.11 6.30 -13.38
CA PHE A 39 12.72 4.90 -13.23
C PHE A 39 12.64 4.28 -14.62
N VAL A 40 12.77 2.95 -14.67
CA VAL A 40 12.75 2.22 -15.93
C VAL A 40 11.37 1.94 -16.49
N PRO A 41 11.25 1.89 -17.83
CA PRO A 41 9.91 1.62 -18.37
C PRO A 41 9.47 0.22 -17.97
N HIS A 42 8.22 0.09 -17.56
CA HIS A 42 7.74 -1.22 -17.17
C HIS A 42 6.24 -1.23 -17.21
N VAL A 43 5.67 -2.42 -17.25
CA VAL A 43 4.24 -2.60 -17.22
C VAL A 43 4.01 -3.51 -16.02
N THR A 44 3.39 -2.96 -14.98
CA THR A 44 3.14 -3.72 -13.78
C THR A 44 2.09 -4.78 -14.05
N VAL A 45 2.35 -5.98 -13.56
CA VAL A 45 1.41 -7.06 -13.77
C VAL A 45 0.89 -7.62 -12.45
N ALA A 46 1.58 -7.29 -11.36
CA ALA A 46 1.16 -7.74 -10.03
C ALA A 46 1.88 -7.06 -8.85
N VAL A 47 1.16 -6.96 -7.72
CA VAL A 47 1.72 -6.42 -6.50
C VAL A 47 1.33 -7.42 -5.41
N SER A 48 2.32 -8.03 -4.78
CA SER A 48 2.06 -9.04 -3.76
C SER A 48 1.77 -8.41 -2.40
N ALA A 49 1.42 -9.29 -1.46
CA ALA A 49 1.21 -8.88 -0.07
C ALA A 49 2.59 -9.18 0.52
N TYR A 50 2.68 -9.39 1.82
CA TYR A 50 3.99 -9.66 2.39
C TYR A 50 4.53 -11.06 2.10
N LEU A 51 5.74 -11.10 1.55
CA LEU A 51 6.38 -12.37 1.20
C LEU A 51 7.83 -12.42 1.67
N THR A 52 8.28 -13.60 2.09
CA THR A 52 9.68 -13.78 2.48
C THR A 52 10.41 -13.76 1.14
N ALA A 53 11.73 -13.62 1.16
CA ALA A 53 12.51 -13.59 -0.07
C ALA A 53 12.35 -14.91 -0.80
N ASP A 54 12.36 -15.98 -0.03
CA ASP A 54 12.24 -17.29 -0.60
C ASP A 54 10.88 -17.51 -1.24
N GLU A 55 9.82 -17.01 -0.62
CA GLU A 55 8.48 -17.17 -1.19
C GLU A 55 8.41 -16.36 -2.50
N ALA A 56 8.95 -15.14 -2.49
CA ALA A 56 8.91 -14.28 -3.67
C ALA A 56 9.74 -14.94 -4.78
N LYS A 57 10.84 -15.57 -4.41
CA LYS A 57 11.67 -16.24 -5.42
C LYS A 57 10.85 -17.33 -6.11
N LYS A 58 10.22 -18.17 -5.30
CA LYS A 58 9.41 -19.25 -5.83
C LYS A 58 8.25 -18.79 -6.70
N MET A 59 7.57 -17.72 -6.27
CA MET A 59 6.44 -17.23 -7.04
C MET A 59 6.93 -16.67 -8.31
N PHE A 60 8.10 -16.03 -8.25
CA PHE A 60 8.70 -15.43 -9.43
C PHE A 60 9.04 -16.51 -10.46
N GLU A 61 9.72 -17.56 -10.02
CA GLU A 61 10.07 -18.63 -10.94
C GLU A 61 8.82 -19.22 -11.58
N SER A 62 7.76 -19.41 -10.81
CA SER A 62 6.51 -19.97 -11.36
C SER A 62 5.92 -19.05 -12.42
N ALA A 63 5.93 -17.75 -12.14
CA ALA A 63 5.38 -16.76 -13.07
C ALA A 63 6.21 -16.75 -14.34
N CYS A 64 7.52 -16.69 -14.17
CA CYS A 64 8.42 -16.67 -15.31
C CYS A 64 8.25 -17.86 -16.23
N ASP A 65 8.13 -19.05 -15.65
CA ASP A 65 7.98 -20.27 -16.44
C ASP A 65 6.62 -20.39 -17.10
N GLY A 66 5.59 -19.90 -16.43
CA GLY A 66 4.25 -20.02 -16.98
C GLY A 66 3.72 -18.80 -17.68
N LEU A 67 4.62 -17.98 -18.22
CA LEU A 67 4.22 -16.78 -18.95
C LEU A 67 5.12 -16.62 -20.18
N LYS A 68 4.51 -16.55 -21.34
CA LYS A 68 5.29 -16.39 -22.56
C LYS A 68 5.46 -14.90 -22.89
N ALA A 69 6.49 -14.57 -23.65
CA ALA A 69 6.68 -13.19 -24.01
C ALA A 69 5.42 -12.77 -24.75
N TYR A 70 4.98 -11.53 -24.55
CA TYR A 70 3.78 -11.03 -25.21
C TYR A 70 4.07 -9.62 -25.66
N THR A 71 3.08 -8.95 -26.22
CA THR A 71 3.28 -7.57 -26.71
C THR A 71 2.12 -6.72 -26.23
N ALA A 72 2.38 -5.42 -26.13
CA ALA A 72 1.36 -4.47 -25.70
C ALA A 72 1.27 -3.41 -26.79
N THR A 73 0.14 -2.73 -26.87
CA THR A 73 -0.04 -1.71 -27.87
C THR A 73 -0.53 -0.43 -27.24
N VAL A 74 0.15 0.65 -27.55
CA VAL A 74 -0.22 1.94 -27.02
C VAL A 74 -1.53 2.44 -27.65
N ASP A 75 -2.50 2.78 -26.81
CA ASP A 75 -3.74 3.33 -27.32
C ASP A 75 -3.49 4.83 -27.45
N ARG A 76 -3.08 5.46 -26.34
CA ARG A 76 -2.79 6.90 -26.30
C ARG A 76 -2.00 7.27 -25.06
N VAL A 77 -1.58 8.53 -25.00
CA VAL A 77 -0.86 9.03 -23.84
C VAL A 77 -2.00 9.58 -23.00
N SER A 78 -2.08 9.12 -21.77
CA SER A 78 -3.15 9.55 -20.91
C SER A 78 -2.57 10.16 -19.64
N THR A 79 -3.43 10.73 -18.80
CA THR A 79 -2.97 11.35 -17.56
C THR A 79 -3.84 10.85 -16.42
N GLY A 80 -3.28 10.87 -15.23
CA GLY A 80 -3.98 10.42 -14.04
C GLY A 80 -4.16 11.51 -13.00
N THR A 81 -4.62 11.08 -11.83
CA THR A 81 -4.92 11.99 -10.75
C THR A 81 -3.99 12.00 -9.54
N PHE A 82 -2.95 11.17 -9.57
CA PHE A 82 -2.02 11.17 -8.47
C PHE A 82 -0.62 10.91 -8.98
N PHE A 83 0.35 10.96 -8.06
CA PHE A 83 1.76 10.82 -8.36
C PHE A 83 2.14 9.75 -9.36
N PHE A 84 1.74 8.52 -9.09
CA PHE A 84 2.14 7.43 -9.99
C PHE A 84 1.35 7.27 -11.27
N GLN A 85 0.30 8.06 -11.41
CA GLN A 85 -0.49 8.04 -12.64
C GLN A 85 -0.59 9.49 -13.04
N CYS A 86 0.53 9.99 -13.56
CA CYS A 86 0.61 11.37 -13.99
C CYS A 86 0.41 11.41 -15.52
N VAL A 87 1.43 10.96 -16.24
CA VAL A 87 1.41 10.85 -17.70
C VAL A 87 1.86 9.43 -17.94
N PHE A 88 1.02 8.66 -18.61
CA PHE A 88 1.34 7.27 -18.88
C PHE A 88 0.77 6.84 -20.21
N LEU A 89 1.30 5.75 -20.72
CA LEU A 89 0.84 5.19 -21.97
C LEU A 89 -0.27 4.17 -21.64
N LEU A 90 -1.49 4.46 -22.07
CA LEU A 90 -2.62 3.56 -21.82
C LEU A 90 -2.46 2.43 -22.84
N LEU A 91 -2.48 1.18 -22.38
CA LEU A 91 -2.32 0.03 -23.30
C LEU A 91 -3.63 -0.65 -23.65
N GLN A 92 -3.70 -1.18 -24.87
CA GLN A 92 -4.88 -1.89 -25.32
C GLN A 92 -5.12 -3.09 -24.41
N THR A 93 -6.36 -3.31 -24.02
CA THR A 93 -6.68 -4.42 -23.12
C THR A 93 -6.81 -5.73 -23.91
N THR A 94 -5.74 -6.13 -24.60
CA THR A 94 -5.81 -7.36 -25.40
C THR A 94 -5.80 -8.60 -24.53
N PRO A 95 -6.24 -9.74 -25.06
CA PRO A 95 -6.25 -10.96 -24.24
C PRO A 95 -4.89 -11.28 -23.61
N GLU A 96 -3.83 -11.15 -24.40
CA GLU A 96 -2.52 -11.51 -23.86
C GLU A 96 -2.05 -10.56 -22.76
N VAL A 97 -2.39 -9.28 -22.90
CA VAL A 97 -1.98 -8.32 -21.88
C VAL A 97 -2.78 -8.54 -20.61
N MET A 98 -4.08 -8.71 -20.75
CA MET A 98 -4.95 -8.94 -19.59
C MET A 98 -4.61 -10.28 -18.91
N GLU A 99 -4.36 -11.32 -19.70
CA GLU A 99 -4.05 -12.62 -19.12
C GLU A 99 -2.71 -12.66 -18.39
N ALA A 100 -1.72 -11.92 -18.89
CA ALA A 100 -0.41 -11.88 -18.24
C ALA A 100 -0.62 -11.31 -16.84
N GLY A 101 -1.47 -10.28 -16.76
CA GLY A 101 -1.78 -9.68 -15.48
C GLY A 101 -2.51 -10.66 -14.57
N GLU A 102 -3.47 -11.37 -15.14
CA GLU A 102 -4.26 -12.37 -14.43
C GLU A 102 -3.39 -13.47 -13.92
N HIS A 103 -2.52 -13.97 -14.78
CA HIS A 103 -1.66 -15.07 -14.36
C HIS A 103 -0.59 -14.65 -13.35
N CYS A 104 -0.05 -13.45 -13.48
CA CYS A 104 0.94 -13.02 -12.50
C CYS A 104 0.30 -12.80 -11.14
N LYS A 105 -0.92 -12.27 -11.13
CA LYS A 105 -1.64 -12.04 -9.88
C LYS A 105 -2.01 -13.38 -9.25
N ASN A 106 -2.26 -14.39 -10.09
CA ASN A 106 -2.54 -15.72 -9.59
C ASN A 106 -1.28 -16.24 -8.85
N HIS A 107 -0.14 -16.25 -9.56
CA HIS A 107 1.12 -16.73 -8.98
C HIS A 107 1.57 -16.05 -7.68
N PHE A 108 1.43 -14.73 -7.59
CA PHE A 108 1.86 -14.08 -6.35
C PHE A 108 0.74 -13.95 -5.33
N ASN A 109 -0.30 -14.75 -5.53
CA ASN A 109 -1.44 -14.78 -4.64
C ASN A 109 -1.97 -13.41 -4.24
N CYS A 110 -2.17 -12.56 -5.25
CA CYS A 110 -2.65 -11.21 -5.03
C CYS A 110 -4.13 -11.16 -4.69
N SER A 111 -4.50 -10.12 -3.96
CA SER A 111 -5.88 -9.89 -3.58
C SER A 111 -6.56 -8.96 -4.60
N THR A 112 -7.89 -8.96 -4.54
CA THR A 112 -8.67 -8.12 -5.43
C THR A 112 -8.19 -6.71 -5.28
N THR A 113 -7.96 -6.09 -6.41
CA THR A 113 -7.53 -4.72 -6.41
C THR A 113 -8.54 -4.00 -7.29
N THR A 114 -8.06 -3.08 -8.10
CA THR A 114 -8.92 -2.32 -8.97
C THR A 114 -8.82 -2.92 -10.37
N PRO A 115 -9.76 -2.58 -11.27
CA PRO A 115 -9.71 -3.13 -12.63
C PRO A 115 -8.28 -2.99 -13.21
N TYR A 116 -7.82 -4.00 -13.95
CA TYR A 116 -6.50 -3.91 -14.55
C TYR A 116 -6.57 -2.90 -15.69
N MET A 117 -5.80 -1.84 -15.53
CA MET A 117 -5.70 -0.78 -16.53
C MET A 117 -4.24 -0.85 -16.93
N PRO A 118 -3.88 -1.84 -17.78
CA PRO A 118 -2.48 -1.95 -18.20
C PRO A 118 -1.90 -0.63 -18.75
N HIS A 119 -0.77 -0.22 -18.21
CA HIS A 119 -0.14 1.02 -18.68
C HIS A 119 1.36 1.05 -18.40
N LEU A 120 2.08 1.89 -19.16
CA LEU A 120 3.51 2.06 -18.97
C LEU A 120 3.63 3.53 -18.57
N SER A 121 3.97 3.76 -17.31
CA SER A 121 4.12 5.12 -16.80
C SER A 121 5.31 5.84 -17.45
N LEU A 122 5.13 7.10 -17.81
CA LEU A 122 6.19 7.87 -18.44
C LEU A 122 6.76 8.91 -17.50
N LEU A 123 5.94 9.33 -16.55
CA LEU A 123 6.33 10.35 -15.59
C LEU A 123 5.58 10.20 -14.27
N TYR A 124 6.31 10.32 -13.17
CA TYR A 124 5.67 10.25 -11.86
C TYR A 124 5.83 11.66 -11.35
N ALA A 125 4.73 12.32 -11.04
CA ALA A 125 4.84 13.67 -10.54
C ALA A 125 3.52 14.22 -10.04
N GLU A 126 3.61 15.31 -9.30
CA GLU A 126 2.41 15.95 -8.85
C GLU A 126 2.34 17.33 -9.50
N LEU A 127 1.54 17.40 -10.55
CA LEU A 127 1.38 18.61 -11.34
C LEU A 127 -0.05 19.10 -11.27
N THR A 128 -0.27 20.33 -11.72
CA THR A 128 -1.59 20.92 -11.77
C THR A 128 -2.22 20.36 -13.07
N GLU A 129 -3.53 20.50 -13.22
CA GLU A 129 -4.16 20.02 -14.44
C GLU A 129 -3.48 20.62 -15.68
N GLU A 130 -3.18 21.92 -15.64
CA GLU A 130 -2.52 22.57 -16.77
C GLU A 130 -1.17 21.89 -17.03
N GLU A 131 -0.31 21.86 -16.02
CA GLU A 131 1.02 21.22 -16.17
C GLU A 131 0.88 19.78 -16.67
N LYS A 132 -0.19 19.12 -16.26
CA LYS A 132 -0.45 17.75 -16.67
C LYS A 132 -0.83 17.72 -18.15
N LYS A 133 -1.79 18.56 -18.53
CA LYS A 133 -2.22 18.64 -19.91
C LYS A 133 -1.02 19.01 -20.80
N ASN A 134 -0.11 19.80 -20.26
CA ASN A 134 1.07 20.20 -21.00
C ASN A 134 2.06 19.07 -21.19
N ALA A 135 2.21 18.21 -20.18
CA ALA A 135 3.17 17.10 -20.24
C ALA A 135 2.70 16.05 -21.24
N GLN A 136 1.39 15.89 -21.34
CA GLN A 136 0.77 14.95 -22.25
C GLN A 136 1.08 15.40 -23.69
N GLU A 137 0.78 16.66 -23.99
CA GLU A 137 1.04 17.18 -25.31
C GLU A 137 2.52 17.01 -25.64
N LYS A 138 3.36 17.29 -24.65
CA LYS A 138 4.79 17.21 -24.83
C LYS A 138 5.24 15.81 -25.18
N ALA A 139 4.59 14.80 -24.60
CA ALA A 139 4.94 13.40 -24.89
C ALA A 139 4.84 13.24 -26.40
N TYR A 140 3.67 13.59 -26.93
CA TYR A 140 3.44 13.51 -28.38
C TYR A 140 4.45 14.33 -29.14
N THR A 141 4.65 15.57 -28.72
CA THR A 141 5.63 16.44 -29.38
C THR A 141 6.95 15.70 -29.54
N LEU A 142 7.39 15.08 -28.44
CA LEU A 142 8.64 14.33 -28.38
C LEU A 142 8.60 13.03 -29.17
N ASP A 143 7.40 12.48 -29.32
CA ASP A 143 7.21 11.20 -30.01
C ASP A 143 5.79 11.18 -30.55
N SER A 144 5.60 11.71 -31.76
CA SER A 144 4.27 11.81 -32.39
C SER A 144 3.61 10.52 -32.83
N SER A 145 4.38 9.44 -32.90
CA SER A 145 3.85 8.14 -33.34
C SER A 145 3.64 7.17 -32.17
N LEU A 146 3.32 7.70 -31.00
CA LEU A 146 3.11 6.84 -29.85
C LEU A 146 1.81 6.08 -29.99
N ASP A 147 0.78 6.73 -30.53
CA ASP A 147 -0.48 6.02 -30.66
C ASP A 147 -0.38 4.84 -31.61
N GLY A 148 -0.79 3.68 -31.11
CA GLY A 148 -0.78 2.48 -31.93
C GLY A 148 0.51 1.74 -31.86
N LEU A 149 1.50 2.31 -31.19
CA LEU A 149 2.80 1.68 -31.04
C LEU A 149 2.76 0.35 -30.26
N SER A 150 3.24 -0.73 -30.89
CA SER A 150 3.26 -2.01 -30.23
C SER A 150 4.69 -2.34 -29.84
N PHE A 151 4.85 -2.91 -28.64
CA PHE A 151 6.17 -3.27 -28.15
C PHE A 151 6.11 -4.61 -27.46
N ARG A 152 7.26 -5.26 -27.42
CA ARG A 152 7.41 -6.57 -26.84
C ARG A 152 7.83 -6.55 -25.37
N LEU A 153 7.16 -7.35 -24.56
CA LEU A 153 7.45 -7.52 -23.14
C LEU A 153 8.06 -8.90 -23.10
N ASN A 154 9.38 -8.96 -22.99
CA ASN A 154 10.08 -10.22 -23.03
C ASN A 154 10.79 -10.64 -21.75
N ARG A 155 10.67 -9.81 -20.72
CA ARG A 155 11.28 -10.08 -19.41
C ARG A 155 10.33 -9.68 -18.28
N LEU A 156 10.53 -10.28 -17.11
CA LEU A 156 9.78 -9.90 -15.92
C LEU A 156 10.83 -9.52 -14.90
N ALA A 157 10.51 -8.55 -14.08
CA ALA A 157 11.45 -8.14 -13.03
C ALA A 157 10.73 -8.29 -11.71
N LEU A 158 11.43 -8.81 -10.71
CA LEU A 158 10.89 -8.97 -9.36
C LEU A 158 11.43 -7.76 -8.61
N CYS A 159 10.55 -6.92 -8.11
CA CYS A 159 10.97 -5.69 -7.46
C CYS A 159 10.42 -5.48 -6.07
N LYS A 160 11.30 -5.09 -5.14
CA LYS A 160 10.91 -4.74 -3.78
C LYS A 160 10.49 -3.27 -3.95
N THR A 161 9.23 -2.98 -3.69
CA THR A 161 8.75 -1.62 -3.82
C THR A 161 7.89 -1.15 -2.65
N ASP A 162 8.17 0.06 -2.16
CA ASP A 162 7.35 0.66 -1.13
C ASP A 162 6.40 1.36 -2.09
N THR A 163 5.33 0.69 -2.45
CA THR A 163 4.39 1.26 -3.42
C THR A 163 3.95 2.70 -3.10
N GLU A 164 4.27 3.18 -1.90
CA GLU A 164 3.92 4.55 -1.51
C GLU A 164 5.11 5.50 -1.47
N ASP A 165 6.34 4.99 -1.64
CA ASP A 165 7.52 5.84 -1.61
C ASP A 165 7.73 6.64 -2.91
N LYS A 166 7.41 7.94 -2.85
CA LYS A 166 7.51 8.81 -4.01
C LYS A 166 8.92 9.16 -4.48
N THR A 167 9.93 8.76 -3.71
CA THR A 167 11.32 9.07 -4.07
C THR A 167 11.81 7.94 -4.94
N LEU A 168 11.13 6.80 -4.80
CA LEU A 168 11.46 5.59 -5.53
C LEU A 168 12.76 5.00 -4.97
N GLU A 169 13.25 5.57 -3.88
CA GLU A 169 14.48 5.12 -3.24
C GLU A 169 14.41 3.70 -2.69
N THR A 170 13.24 3.26 -2.28
CA THR A 170 13.06 1.93 -1.72
C THR A 170 12.82 0.90 -2.82
N TRP A 171 12.58 1.42 -4.03
CA TRP A 171 12.34 0.62 -5.24
C TRP A 171 13.63 -0.07 -5.68
N GLU A 172 13.65 -1.40 -5.58
CA GLU A 172 14.84 -2.18 -5.95
C GLU A 172 14.46 -3.45 -6.73
N THR A 173 15.17 -3.69 -7.83
CA THR A 173 14.92 -4.89 -8.62
C THR A 173 15.72 -6.03 -8.01
N VAL A 174 15.04 -7.12 -7.69
CA VAL A 174 15.70 -8.28 -7.09
C VAL A 174 16.18 -9.27 -8.14
N ALA A 175 15.27 -9.69 -8.99
CA ALA A 175 15.59 -10.66 -10.01
C ALA A 175 14.90 -10.28 -11.29
N VAL A 176 15.42 -10.81 -12.38
CA VAL A 176 14.89 -10.56 -13.71
C VAL A 176 14.89 -11.90 -14.40
N CYS A 177 13.89 -12.13 -15.24
CA CYS A 177 13.83 -13.39 -15.96
C CYS A 177 13.34 -13.18 -17.39
N ASN A 178 13.88 -14.01 -18.28
CA ASN A 178 13.52 -13.95 -19.68
C ASN A 178 12.30 -14.80 -19.91
N LEU A 179 11.33 -14.22 -20.60
CA LEU A 179 10.12 -14.95 -20.92
C LEU A 179 10.35 -15.65 -22.26
N ASN A 180 9.81 -16.86 -22.40
CA ASN A 180 9.96 -17.61 -23.63
C ASN A 180 9.04 -17.05 -24.70
N PRO A 181 9.50 -17.03 -25.96
CA PRO A 181 8.69 -16.52 -27.07
C PRO A 181 7.32 -17.17 -27.12
N MET B 1 -4.68 22.60 -11.57
CA MET B 1 -4.99 22.25 -10.16
C MET B 1 -4.57 23.37 -9.21
N GLU B 2 -4.83 23.16 -7.93
CA GLU B 2 -4.48 24.09 -6.85
C GLU B 2 -3.57 23.28 -5.93
N GLU B 3 -4.17 22.38 -5.16
CA GLU B 3 -3.40 21.51 -4.28
C GLU B 3 -2.95 20.35 -5.15
N VAL B 4 -1.64 20.19 -5.26
CA VAL B 4 -1.13 19.12 -6.12
C VAL B 4 -0.58 17.94 -5.34
N LYS B 5 -0.22 18.16 -4.09
CA LYS B 5 0.31 17.09 -3.26
C LYS B 5 -0.80 16.22 -2.75
N LYS B 6 -0.64 14.90 -2.87
CA LYS B 6 -1.64 13.94 -2.39
C LYS B 6 -0.94 12.79 -1.65
N ASP B 7 -1.62 12.27 -0.64
CA ASP B 7 -1.09 11.18 0.16
C ASP B 7 -2.17 10.22 0.58
N VAL B 8 -1.72 9.06 1.04
CA VAL B 8 -2.59 8.03 1.53
C VAL B 8 -2.69 8.34 3.02
N TYR B 9 -3.91 8.32 3.53
CA TYR B 9 -4.14 8.60 4.93
C TYR B 9 -4.75 7.39 5.62
N SER B 10 -4.41 7.22 6.90
CA SER B 10 -4.96 6.16 7.70
C SER B 10 -5.77 6.87 8.74
N VAL B 11 -6.94 6.30 9.06
CA VAL B 11 -7.78 6.91 10.09
C VAL B 11 -7.79 5.94 11.25
N TRP B 12 -7.48 6.45 12.43
CA TRP B 12 -7.39 5.64 13.63
C TRP B 12 -8.39 6.04 14.69
N ALA B 13 -8.97 5.03 15.34
CA ALA B 13 -9.89 5.26 16.45
C ALA B 13 -8.92 5.08 17.62
N LEU B 14 -8.97 6.03 18.57
CA LEU B 14 -8.07 6.02 19.74
C LEU B 14 -8.77 5.66 21.04
N PRO B 15 -8.14 4.80 21.86
CA PRO B 15 -8.70 4.37 23.14
C PRO B 15 -8.82 5.60 24.05
N ASP B 16 -9.76 5.56 25.00
CA ASP B 16 -9.95 6.71 25.88
C ASP B 16 -8.83 6.85 26.90
N GLU B 17 -8.85 7.98 27.63
CA GLU B 17 -7.81 8.28 28.59
C GLU B 17 -7.54 7.23 29.65
N GLU B 18 -8.55 6.45 30.00
CA GLU B 18 -8.36 5.42 31.04
C GLU B 18 -7.72 4.13 30.55
N SER B 19 -8.05 3.69 29.35
CA SER B 19 -7.50 2.44 28.86
C SER B 19 -6.17 2.62 28.17
N GLU B 20 -5.98 3.81 27.59
CA GLU B 20 -4.75 4.07 26.86
C GLU B 20 -3.44 3.73 27.57
N PRO B 21 -3.28 4.16 28.83
CA PRO B 21 -2.06 3.89 29.60
C PRO B 21 -1.82 2.41 29.73
N ARG B 22 -2.89 1.65 29.86
CA ARG B 22 -2.77 0.21 30.00
C ARG B 22 -2.18 -0.37 28.72
N PHE B 23 -2.65 0.10 27.57
CA PHE B 23 -2.17 -0.42 26.32
C PHE B 23 -0.76 0.08 26.04
N LYS B 24 -0.56 1.36 26.25
CA LYS B 24 0.75 1.94 26.00
C LYS B 24 1.81 1.29 26.89
N LYS B 25 1.48 0.93 28.12
CA LYS B 25 2.45 0.28 29.02
C LYS B 25 2.78 -1.13 28.53
N LEU B 26 1.78 -1.82 27.99
CA LEU B 26 1.95 -3.17 27.45
C LEU B 26 2.84 -3.11 26.22
N MET B 27 2.59 -2.11 25.39
CA MET B 27 3.36 -1.94 24.17
C MET B 27 4.82 -1.60 24.48
N GLU B 28 5.00 -0.78 25.50
CA GLU B 28 6.34 -0.40 25.90
C GLU B 28 7.13 -1.60 26.43
N ALA B 29 6.50 -2.41 27.27
CA ALA B 29 7.14 -3.58 27.82
C ALA B 29 7.51 -4.60 26.75
N LEU B 30 6.59 -4.84 25.82
CA LEU B 30 6.84 -5.80 24.76
C LEU B 30 7.92 -5.38 23.80
N ARG B 31 7.94 -4.09 23.44
CA ARG B 31 8.93 -3.59 22.51
C ARG B 31 10.29 -3.49 23.19
N SER B 32 10.30 -3.30 24.51
CA SER B 32 11.56 -3.21 25.27
C SER B 32 12.16 -4.60 25.47
N GLU B 33 11.35 -5.64 25.29
CA GLU B 33 11.86 -6.99 25.44
C GLU B 33 12.07 -7.71 24.11
N PHE B 34 11.26 -7.38 23.10
CA PHE B 34 11.37 -8.05 21.80
C PHE B 34 11.92 -7.14 20.72
N THR B 35 12.08 -5.86 21.05
CA THR B 35 12.63 -4.88 20.12
C THR B 35 11.68 -4.53 18.96
N GLY B 36 11.05 -3.36 19.10
CA GLY B 36 10.12 -2.87 18.11
C GLY B 36 10.04 -1.37 18.24
N PRO B 37 9.48 -0.68 17.23
CA PRO B 37 9.35 0.77 17.28
C PRO B 37 8.22 1.23 18.20
N ARG B 38 8.28 2.47 18.66
CA ARG B 38 7.24 3.04 19.51
C ARG B 38 6.16 3.58 18.58
N PHE B 39 4.92 3.55 19.04
CA PHE B 39 3.78 4.10 18.31
C PHE B 39 2.67 4.24 19.36
N VAL B 40 1.58 4.90 18.99
CA VAL B 40 0.49 5.05 19.94
C VAL B 40 -0.58 3.98 19.77
N PRO B 41 -1.23 3.59 20.87
CA PRO B 41 -2.26 2.57 20.72
C PRO B 41 -3.38 3.06 19.82
N HIS B 42 -3.80 2.23 18.88
CA HIS B 42 -4.85 2.65 17.97
C HIS B 42 -5.53 1.47 17.33
N VAL B 43 -6.74 1.73 16.87
CA VAL B 43 -7.54 0.74 16.14
C VAL B 43 -7.81 1.38 14.79
N THR B 44 -7.09 0.94 13.76
CA THR B 44 -7.29 1.49 12.43
C THR B 44 -8.70 1.23 11.92
N VAL B 45 -9.32 2.28 11.37
CA VAL B 45 -10.67 2.12 10.87
C VAL B 45 -10.76 2.39 9.37
N ALA B 46 -9.71 2.97 8.79
CA ALA B 46 -9.71 3.24 7.36
C ALA B 46 -8.36 3.69 6.83
N VAL B 47 -8.12 3.38 5.56
CA VAL B 47 -6.92 3.78 4.84
C VAL B 47 -7.37 4.29 3.47
N SER B 48 -7.19 5.59 3.25
CA SER B 48 -7.62 6.23 2.02
C SER B 48 -6.71 5.99 0.82
N ALA B 49 -7.20 6.43 -0.33
CA ALA B 49 -6.44 6.39 -1.58
C ALA B 49 -5.82 7.79 -1.51
N TYR B 50 -5.18 8.25 -2.59
CA TYR B 50 -4.55 9.57 -2.57
C TYR B 50 -5.49 10.76 -2.39
N LEU B 51 -5.24 11.55 -1.35
CA LEU B 51 -6.06 12.73 -1.09
C LEU B 51 -5.19 13.95 -0.83
N THR B 52 -5.71 15.12 -1.19
CA THR B 52 -4.98 16.35 -0.95
C THR B 52 -5.23 16.62 0.52
N ALA B 53 -4.40 17.46 1.12
CA ALA B 53 -4.56 17.80 2.53
C ALA B 53 -5.98 18.28 2.76
N ASP B 54 -6.44 19.12 1.85
CA ASP B 54 -7.77 19.66 1.97
C ASP B 54 -8.85 18.59 1.82
N GLU B 55 -8.61 17.61 0.96
CA GLU B 55 -9.55 16.56 0.75
C GLU B 55 -9.61 15.66 1.97
N ALA B 56 -8.45 15.39 2.54
CA ALA B 56 -8.43 14.55 3.71
C ALA B 56 -9.09 15.26 4.92
N LYS B 57 -8.92 16.57 5.01
CA LYS B 57 -9.48 17.32 6.11
C LYS B 57 -11.00 17.26 6.10
N LYS B 58 -11.59 17.55 4.94
CA LYS B 58 -13.03 17.54 4.83
C LYS B 58 -13.61 16.18 5.19
N MET B 59 -12.98 15.12 4.71
CA MET B 59 -13.43 13.77 4.98
C MET B 59 -13.29 13.41 6.46
N PHE B 60 -12.24 13.91 7.10
CA PHE B 60 -12.01 13.65 8.52
C PHE B 60 -13.09 14.35 9.34
N GLU B 61 -13.31 15.66 9.12
CA GLU B 61 -14.34 16.41 9.83
C GLU B 61 -15.67 15.66 9.67
N SER B 62 -15.92 15.20 8.46
CA SER B 62 -17.14 14.47 8.14
C SER B 62 -17.23 13.17 8.98
N ALA B 63 -16.14 12.41 9.02
CA ALA B 63 -16.14 11.19 9.79
C ALA B 63 -16.25 11.50 11.28
N CYS B 64 -15.62 12.59 11.71
CA CYS B 64 -15.67 12.98 13.11
C CYS B 64 -17.04 13.39 13.63
N ASP B 65 -17.87 13.93 12.75
CA ASP B 65 -19.20 14.34 13.17
C ASP B 65 -20.22 13.24 13.08
N GLY B 66 -20.05 12.32 12.14
CA GLY B 66 -21.00 11.24 12.02
C GLY B 66 -20.70 10.04 12.93
N LEU B 67 -19.54 10.07 13.58
CA LEU B 67 -19.17 8.94 14.40
C LEU B 67 -19.29 9.20 15.89
N LYS B 68 -19.94 8.30 16.60
CA LYS B 68 -20.08 8.46 18.03
C LYS B 68 -19.07 7.53 18.70
N ALA B 69 -18.63 7.88 19.89
CA ALA B 69 -17.68 7.08 20.64
C ALA B 69 -18.31 5.68 20.75
N TYR B 70 -17.49 4.64 20.67
CA TYR B 70 -17.98 3.29 20.76
C TYR B 70 -17.02 2.47 21.60
N THR B 71 -17.34 1.21 21.81
CA THR B 71 -16.49 0.38 22.64
C THR B 71 -16.08 -0.88 21.89
N ALA B 72 -14.85 -1.30 22.12
CA ALA B 72 -14.30 -2.50 21.53
C ALA B 72 -14.06 -3.45 22.68
N THR B 73 -14.08 -4.74 22.36
CA THR B 73 -13.88 -5.76 23.37
C THR B 73 -12.81 -6.69 22.87
N VAL B 74 -11.84 -6.98 23.72
CA VAL B 74 -10.75 -7.85 23.33
C VAL B 74 -11.20 -9.31 23.30
N ASP B 75 -10.94 -9.97 22.17
CA ASP B 75 -11.25 -11.39 22.06
C ASP B 75 -10.06 -12.07 22.76
N ARG B 76 -8.85 -11.81 22.26
CA ARG B 76 -7.66 -12.34 22.86
C ARG B 76 -6.43 -11.69 22.24
N VAL B 77 -5.25 -12.01 22.78
CA VAL B 77 -4.00 -11.51 22.25
C VAL B 77 -3.72 -12.51 21.15
N SER B 78 -3.54 -12.02 19.94
CA SER B 78 -3.27 -12.92 18.83
C SER B 78 -1.94 -12.55 18.16
N THR B 79 -1.48 -13.39 17.25
CA THR B 79 -0.24 -13.09 16.54
C THR B 79 -0.56 -13.22 15.06
N GLY B 80 0.19 -12.49 14.23
CA GLY B 80 -0.02 -12.52 12.79
C GLY B 80 1.20 -12.98 12.01
N THR B 81 1.15 -12.78 10.70
CA THR B 81 2.23 -13.28 9.84
C THR B 81 3.17 -12.30 9.21
N PHE B 82 3.13 -11.03 9.63
CA PHE B 82 4.05 -10.04 9.09
C PHE B 82 4.31 -8.90 10.07
N PHE B 83 5.19 -7.98 9.68
CA PHE B 83 5.61 -6.92 10.56
C PHE B 83 4.54 -6.21 11.37
N PHE B 84 3.48 -5.77 10.70
CA PHE B 84 2.45 -5.01 11.38
C PHE B 84 1.42 -5.85 12.10
N GLN B 85 1.46 -7.14 11.89
CA GLN B 85 0.55 -8.05 12.59
C GLN B 85 1.42 -9.08 13.27
N CYS B 86 2.15 -8.61 14.28
CA CYS B 86 3.05 -9.46 15.03
C CYS B 86 2.28 -9.91 16.27
N VAL B 87 2.07 -9.01 17.22
CA VAL B 87 1.31 -9.34 18.40
C VAL B 87 0.28 -8.22 18.53
N PHE B 88 -0.99 -8.61 18.67
CA PHE B 88 -2.03 -7.63 18.75
C PHE B 88 -3.26 -8.11 19.48
N LEU B 89 -4.10 -7.15 19.89
CA LEU B 89 -5.35 -7.49 20.55
C LEU B 89 -6.38 -7.66 19.42
N LEU B 90 -6.85 -8.89 19.26
CA LEU B 90 -7.87 -9.18 18.26
C LEU B 90 -9.20 -8.76 18.91
N LEU B 91 -9.91 -7.84 18.28
CA LEU B 91 -11.15 -7.31 18.84
C LEU B 91 -12.37 -8.05 18.37
N GLN B 92 -13.40 -8.08 19.21
CA GLN B 92 -14.63 -8.77 18.84
C GLN B 92 -15.25 -8.03 17.69
N THR B 93 -15.80 -8.78 16.73
CA THR B 93 -16.41 -8.14 15.58
C THR B 93 -17.85 -7.73 15.89
N THR B 94 -17.99 -6.80 16.83
CA THR B 94 -19.30 -6.27 17.21
C THR B 94 -19.81 -5.21 16.21
N PRO B 95 -21.13 -4.94 16.21
CA PRO B 95 -21.74 -3.97 15.31
C PRO B 95 -21.08 -2.60 15.35
N GLU B 96 -20.91 -2.13 16.58
CA GLU B 96 -20.32 -0.85 16.87
C GLU B 96 -18.92 -0.77 16.24
N VAL B 97 -18.13 -1.81 16.45
CA VAL B 97 -16.76 -1.89 15.93
C VAL B 97 -16.68 -2.02 14.43
N MET B 98 -17.48 -2.93 13.85
CA MET B 98 -17.47 -3.12 12.40
C MET B 98 -18.05 -1.89 11.67
N GLU B 99 -19.12 -1.30 12.21
CA GLU B 99 -19.70 -0.15 11.54
C GLU B 99 -18.82 1.10 11.62
N ALA B 100 -17.91 1.17 12.57
CA ALA B 100 -17.02 2.32 12.65
C ALA B 100 -16.05 2.27 11.44
N GLY B 101 -15.55 1.08 11.14
CA GLY B 101 -14.64 0.93 10.02
C GLY B 101 -15.37 1.12 8.69
N GLU B 102 -16.52 0.47 8.56
CA GLU B 102 -17.29 0.59 7.33
C GLU B 102 -17.67 2.05 7.09
N HIS B 103 -18.20 2.71 8.10
CA HIS B 103 -18.61 4.09 7.94
C HIS B 103 -17.43 5.04 7.80
N CYS B 104 -16.28 4.67 8.34
CA CYS B 104 -15.10 5.52 8.17
C CYS B 104 -14.56 5.32 6.78
N LYS B 105 -14.70 4.10 6.27
CA LYS B 105 -14.23 3.76 4.93
C LYS B 105 -15.16 4.41 3.90
N ASN B 106 -16.41 4.65 4.28
CA ASN B 106 -17.36 5.31 3.39
C ASN B 106 -16.91 6.75 3.21
N HIS B 107 -16.76 7.44 4.35
CA HIS B 107 -16.34 8.83 4.42
C HIS B 107 -15.05 9.13 3.68
N PHE B 108 -14.18 8.15 3.53
CA PHE B 108 -12.94 8.37 2.83
C PHE B 108 -12.87 7.69 1.49
N ASN B 109 -14.03 7.36 0.92
CA ASN B 109 -14.12 6.70 -0.37
C ASN B 109 -13.18 5.50 -0.50
N CYS B 110 -13.24 4.61 0.49
CA CYS B 110 -12.47 3.37 0.52
C CYS B 110 -13.54 2.30 0.38
N SER B 111 -13.27 1.30 -0.44
CA SER B 111 -14.23 0.22 -0.63
C SER B 111 -14.27 -0.68 0.59
N THR B 112 -15.37 -1.41 0.76
CA THR B 112 -15.49 -2.31 1.90
C THR B 112 -16.00 -3.67 1.46
N THR B 113 -15.10 -4.38 0.76
CA THR B 113 -15.33 -5.71 0.24
C THR B 113 -14.13 -6.55 0.75
N THR B 114 -13.17 -5.84 1.36
CA THR B 114 -11.99 -6.44 1.97
C THR B 114 -12.30 -6.71 3.44
N PRO B 115 -11.84 -7.86 3.96
CA PRO B 115 -12.14 -8.15 5.36
C PRO B 115 -11.51 -7.21 6.39
N TYR B 116 -12.37 -6.63 7.21
CA TYR B 116 -11.89 -5.75 8.26
C TYR B 116 -11.63 -6.59 9.47
N MET B 117 -10.40 -6.57 9.95
CA MET B 117 -10.08 -7.34 11.14
C MET B 117 -9.70 -6.30 12.18
N PRO B 118 -10.67 -5.84 12.99
CA PRO B 118 -10.33 -4.85 14.01
C PRO B 118 -9.34 -5.39 15.03
N HIS B 119 -8.27 -4.65 15.25
CA HIS B 119 -7.27 -5.07 16.21
C HIS B 119 -6.53 -3.85 16.72
N LEU B 120 -5.91 -4.01 17.88
CA LEU B 120 -5.10 -2.97 18.49
C LEU B 120 -3.73 -3.64 18.57
N SER B 121 -2.83 -3.26 17.68
CA SER B 121 -1.50 -3.82 17.65
C SER B 121 -0.72 -3.44 18.90
N LEU B 122 0.00 -4.43 19.46
CA LEU B 122 0.82 -4.22 20.65
C LEU B 122 2.32 -4.24 20.33
N LEU B 123 2.69 -4.85 19.21
CA LEU B 123 4.09 -4.95 18.85
C LEU B 123 4.24 -5.05 17.34
N TYR B 124 5.24 -4.36 16.76
CA TYR B 124 5.50 -4.50 15.31
C TYR B 124 6.91 -5.06 15.28
N ALA B 125 7.06 -6.28 14.77
CA ALA B 125 8.38 -6.88 14.69
C ALA B 125 8.29 -8.06 13.76
N GLU B 126 9.44 -8.58 13.31
CA GLU B 126 9.46 -9.77 12.48
C GLU B 126 10.17 -10.81 13.31
N LEU B 127 9.38 -11.68 13.91
CA LEU B 127 9.90 -12.68 14.81
C LEU B 127 9.68 -14.09 14.29
N THR B 128 10.43 -15.04 14.85
CA THR B 128 10.29 -16.45 14.54
C THR B 128 8.95 -16.86 15.17
N GLU B 129 8.37 -17.98 14.76
CA GLU B 129 7.11 -18.44 15.34
C GLU B 129 7.31 -18.59 16.84
N GLU B 130 8.47 -19.14 17.17
CA GLU B 130 8.89 -19.38 18.53
C GLU B 130 8.77 -18.10 19.35
N GLU B 131 9.26 -17.01 18.79
CA GLU B 131 9.23 -15.74 19.48
C GLU B 131 7.88 -15.08 19.50
N LYS B 132 7.10 -15.26 18.44
CA LYS B 132 5.75 -14.67 18.41
C LYS B 132 4.95 -15.20 19.60
N LYS B 133 5.07 -16.50 19.84
CA LYS B 133 4.34 -17.10 20.93
C LYS B 133 4.88 -16.63 22.28
N ASN B 134 6.20 -16.45 22.37
CA ASN B 134 6.78 -15.97 23.62
C ASN B 134 6.28 -14.57 23.93
N ALA B 135 6.21 -13.72 22.91
CA ALA B 135 5.74 -12.35 23.07
C ALA B 135 4.27 -12.37 23.44
N GLN B 136 3.50 -13.26 22.82
CA GLN B 136 2.08 -13.39 23.10
C GLN B 136 1.88 -13.72 24.58
N GLU B 137 2.61 -14.73 25.04
CA GLU B 137 2.54 -15.16 26.41
C GLU B 137 3.04 -14.03 27.33
N LYS B 138 4.05 -13.27 26.90
CA LYS B 138 4.54 -12.19 27.73
C LYS B 138 3.47 -11.12 27.95
N ALA B 139 2.65 -10.90 26.92
CA ALA B 139 1.56 -9.94 26.97
C ALA B 139 0.62 -10.32 28.11
N TYR B 140 0.31 -11.61 28.22
CA TYR B 140 -0.56 -12.12 29.28
C TYR B 140 0.14 -12.13 30.63
N THR B 141 1.43 -12.36 30.62
CA THR B 141 2.17 -12.36 31.87
C THR B 141 2.09 -10.97 32.47
N LEU B 142 2.18 -9.97 31.58
CA LEU B 142 2.11 -8.56 31.94
C LEU B 142 0.71 -8.08 32.30
N ASP B 143 -0.29 -8.60 31.60
CA ASP B 143 -1.69 -8.18 31.83
C ASP B 143 -2.51 -9.42 31.56
N SER B 144 -2.72 -10.21 32.59
CA SER B 144 -3.40 -11.48 32.47
C SER B 144 -4.88 -11.37 32.25
N SER B 145 -5.45 -10.18 32.43
CA SER B 145 -6.89 -10.04 32.26
C SER B 145 -7.30 -9.37 30.96
N LEU B 146 -6.48 -9.57 29.94
CA LEU B 146 -6.76 -8.95 28.66
C LEU B 146 -7.97 -9.55 27.93
N ASP B 147 -8.15 -10.86 27.99
CA ASP B 147 -9.27 -11.47 27.27
C ASP B 147 -10.58 -10.91 27.82
N GLY B 148 -11.43 -10.41 26.91
CA GLY B 148 -12.72 -9.89 27.33
C GLY B 148 -12.70 -8.46 27.81
N LEU B 149 -11.52 -7.85 27.80
CA LEU B 149 -11.36 -6.47 28.25
C LEU B 149 -12.02 -5.53 27.25
N SER B 150 -12.83 -4.60 27.74
CA SER B 150 -13.50 -3.65 26.88
C SER B 150 -12.92 -2.28 27.10
N PHE B 151 -12.77 -1.52 26.03
CA PHE B 151 -12.24 -0.16 26.18
C PHE B 151 -12.99 0.74 25.25
N ARG B 152 -13.02 2.02 25.58
CA ARG B 152 -13.73 2.94 24.74
C ARG B 152 -12.80 3.60 23.74
N LEU B 153 -13.35 3.87 22.56
CA LEU B 153 -12.64 4.55 21.49
C LEU B 153 -13.43 5.85 21.38
N ASN B 154 -12.85 6.94 21.85
CA ASN B 154 -13.57 8.20 21.85
C ASN B 154 -12.94 9.35 21.08
N ARG B 155 -11.93 9.05 20.27
CA ARG B 155 -11.26 10.04 19.45
C ARG B 155 -10.89 9.37 18.14
N LEU B 156 -10.73 10.17 17.08
CA LEU B 156 -10.22 9.66 15.80
C LEU B 156 -8.98 10.50 15.54
N ALA B 157 -8.04 9.93 14.79
CA ALA B 157 -6.83 10.64 14.40
C ALA B 157 -6.73 10.43 12.91
N LEU B 158 -6.29 11.48 12.21
CA LEU B 158 -6.10 11.43 10.76
C LEU B 158 -4.57 11.36 10.69
N CYS B 159 -4.01 10.35 10.03
CA CYS B 159 -2.55 10.21 9.98
C CYS B 159 -1.99 9.88 8.63
N LYS B 160 -0.77 10.37 8.37
CA LYS B 160 -0.06 10.06 7.13
C LYS B 160 0.81 8.88 7.51
N THR B 161 0.65 7.79 6.77
CA THR B 161 1.42 6.61 7.07
C THR B 161 1.88 5.93 5.81
N ASP B 162 3.16 5.59 5.76
CA ASP B 162 3.63 4.83 4.63
C ASP B 162 3.29 3.47 5.18
N THR B 163 2.14 2.94 4.80
CA THR B 163 1.71 1.63 5.29
C THR B 163 2.77 0.53 5.18
N GLU B 164 3.86 0.80 4.45
CA GLU B 164 4.91 -0.19 4.27
C GLU B 164 6.23 0.27 4.86
N ASP B 165 6.22 1.33 5.66
CA ASP B 165 7.46 1.83 6.28
C ASP B 165 7.64 1.23 7.68
N LYS B 166 8.43 0.17 7.75
CA LYS B 166 8.66 -0.52 9.02
C LYS B 166 9.37 0.27 10.11
N THR B 167 9.94 1.41 9.75
CA THR B 167 10.63 2.22 10.74
C THR B 167 9.60 3.11 11.44
N LEU B 168 8.51 3.37 10.73
CA LEU B 168 7.43 4.22 11.21
C LEU B 168 7.85 5.69 11.22
N GLU B 169 9.09 5.97 10.77
CA GLU B 169 9.59 7.34 10.71
C GLU B 169 8.69 8.25 9.87
N THR B 170 7.97 7.68 8.91
CA THR B 170 7.08 8.48 8.05
C THR B 170 5.65 8.56 8.59
N TRP B 171 5.42 7.90 9.74
CA TRP B 171 4.11 7.90 10.39
C TRP B 171 3.97 9.18 11.18
N GLU B 172 2.93 9.94 10.85
CA GLU B 172 2.67 11.20 11.52
C GLU B 172 1.19 11.48 11.63
N THR B 173 0.79 12.00 12.78
CA THR B 173 -0.60 12.33 13.04
C THR B 173 -0.84 13.75 12.59
N VAL B 174 -1.81 13.93 11.70
CA VAL B 174 -2.16 15.23 11.15
C VAL B 174 -3.18 15.98 12.02
N ALA B 175 -4.29 15.30 12.33
CA ALA B 175 -5.32 15.92 13.16
C ALA B 175 -6.01 14.90 14.06
N VAL B 176 -6.60 15.41 15.14
CA VAL B 176 -7.30 14.53 16.07
C VAL B 176 -8.63 15.19 16.34
N CYS B 177 -9.62 14.38 16.66
CA CYS B 177 -10.95 14.90 16.97
C CYS B 177 -11.63 14.05 18.04
N ASN B 178 -12.49 14.68 18.82
CA ASN B 178 -13.22 13.96 19.85
C ASN B 178 -14.55 13.50 19.27
N LEU B 179 -14.95 12.28 19.57
CA LEU B 179 -16.21 11.78 19.07
C LEU B 179 -17.28 12.04 20.13
N ASN B 180 -18.52 12.25 19.68
CA ASN B 180 -19.61 12.48 20.62
C ASN B 180 -20.00 11.16 21.28
N PRO B 181 -20.36 11.21 22.57
CA PRO B 181 -20.76 10.00 23.31
C PRO B 181 -21.92 9.26 22.61
#